data_3EKU
#
_entry.id   3EKU
#
_cell.length_a   207.400
_cell.length_b   54.040
_cell.length_c   36.890
_cell.angle_alpha   90.000
_cell.angle_beta   98.960
_cell.angle_gamma   90.000
#
_symmetry.space_group_name_H-M   'C 1 2 1'
#
loop_
_entity.id
_entity.type
_entity.pdbx_description
1 polymer Actin-5C
2 non-polymer "ADENOSINE-5'-TRIPHOSPHATE"
3 non-polymer 'CALCIUM ION'
4 non-polymer '(3S,3aR,4S,6S,6aR,7E,10S,12R,13E,15R,15aR)-3-benzyl-6,12-dihydroxy-4,10,12-trimethyl-5-methylidene-1,11-dioxo-2,3,3a,4,5,6,6a,9,10,11,12,15-dodecahydro-1H-cycloundeca[d]isoindol-15-yl acetate'
5 water water
#
_entity_poly.entity_id   1
_entity_poly.type   'polypeptide(L)'
_entity_poly.pdbx_seq_one_letter_code
;CDEEVAALVVDNGSGMCKAGFAGDDAPRAVFPSIVGRPRHQGVMVGMGQKDSYVGDEAQSKRGILTLKYPIEHGIVTNWD
DMEKIWHHTFYNELRVAPEEHPVLLTEAPLNPKANREKMTQIMFETFNTPAMYVAIQAVLSLYASGRTTGIVLDSGDGVS
HTVPIYEGYALPHAILRLDLAGRDLTDYLMKILTERGYSFTTTEEREIVRDIKEKLCYVALDFEQEMATAASSSSLEKSY
ELKDGQVITIGNERFRCPEALFQPSFLGMEACGIHETTYNSIMKCDVDIRKDLYANTVLSGGTTMYPGIADRMQKEITAL
APSTMKIKIIAPPERKYSVWIGGSILASLSTFQQMWISKQEYDESGPSIVHRKCF
;
_entity_poly.pdbx_strand_id   A
#
loop_
_chem_comp.id
_chem_comp.type
_chem_comp.name
_chem_comp.formula
ATP non-polymer ADENOSINE-5'-TRIPHOSPHATE 'C10 H16 N5 O13 P3'
CA non-polymer 'CALCIUM ION' 'Ca 2'
CY9 non-polymer '(3S,3aR,4S,6S,6aR,7E,10S,12R,13E,15R,15aR)-3-benzyl-6,12-dihydroxy-4,10,12-trimethyl-5-methylidene-1,11-dioxo-2,3,3a,4,5,6,6a,9,10,11,12,15-dodecahydro-1H-cycloundeca[d]isoindol-15-yl acetate' 'C30 H37 N O6'
#
# COMPACT_ATOMS: atom_id res chain seq x y z
N GLU A 4 26.31 5.50 15.62
CA GLU A 4 24.91 5.08 15.98
C GLU A 4 24.58 3.68 15.48
N VAL A 5 23.44 3.18 15.92
CA VAL A 5 22.97 1.88 15.47
C VAL A 5 22.21 2.12 14.15
N ALA A 6 21.28 1.21 13.93
CA ALA A 6 20.43 1.25 12.76
C ALA A 6 19.07 1.80 13.11
N ALA A 7 18.55 2.60 12.20
CA ALA A 7 17.20 3.10 12.36
C ALA A 7 16.38 1.85 11.99
N LEU A 8 15.16 1.78 12.48
CA LEU A 8 14.28 0.68 12.11
C LEU A 8 13.24 1.33 11.21
N VAL A 9 12.91 0.67 10.11
CA VAL A 9 11.92 1.20 9.18
C VAL A 9 10.64 0.37 9.27
N VAL A 10 9.59 0.96 9.82
CA VAL A 10 8.32 0.28 9.97
C VAL A 10 7.25 0.85 9.06
N ASP A 11 6.84 0.07 8.06
CA ASP A 11 5.82 0.49 7.10
C ASP A 11 4.51 -0.15 7.48
N ASN A 12 3.62 0.65 8.07
CA ASN A 12 2.31 0.15 8.51
C ASN A 12 1.32 0.23 7.35
N GLY A 13 0.78 -0.92 6.96
CA GLY A 13 -0.18 -0.97 5.87
C GLY A 13 -1.58 -1.38 6.33
N SER A 14 -2.55 -1.33 5.43
CA SER A 14 -3.92 -1.70 5.78
C SER A 14 -4.06 -3.22 5.87
N GLY A 15 -3.32 -3.92 5.03
CA GLY A 15 -3.39 -5.38 5.04
C GLY A 15 -2.14 -6.01 5.60
N MET A 16 -0.99 -5.49 5.20
CA MET A 16 0.27 -6.03 5.67
C MET A 16 1.15 -4.94 6.27
N CYS A 17 1.98 -5.34 7.21
CA CYS A 17 2.91 -4.41 7.82
C CYS A 17 4.30 -4.92 7.45
N LYS A 18 5.18 -4.00 7.09
CA LYS A 18 6.53 -4.34 6.71
C LYS A 18 7.50 -3.66 7.68
N ALA A 19 8.50 -4.41 8.13
CA ALA A 19 9.47 -3.86 9.08
C ALA A 19 10.86 -4.40 8.82
N GLY A 20 11.87 -3.57 9.10
CA GLY A 20 13.23 -4.00 8.88
C GLY A 20 14.23 -2.97 9.33
N PHE A 21 15.47 -3.11 8.86
CA PHE A 21 16.52 -2.20 9.24
C PHE A 21 16.98 -1.32 8.08
N ALA A 22 17.06 -0.02 8.31
CA ALA A 22 17.50 0.91 7.29
C ALA A 22 18.85 0.39 6.78
N GLY A 23 19.02 0.30 5.46
CA GLY A 23 20.26 -0.21 4.92
C GLY A 23 20.04 -1.51 4.17
N ASP A 24 19.01 -2.26 4.54
CA ASP A 24 18.70 -3.50 3.84
C ASP A 24 17.86 -3.11 2.62
N ASP A 25 17.80 -4.00 1.63
CA ASP A 25 17.02 -3.70 0.43
C ASP A 25 15.65 -4.37 0.41
N ALA A 26 15.29 -4.97 1.53
CA ALA A 26 14.00 -5.63 1.67
C ALA A 26 13.67 -5.72 3.14
N PRO A 27 12.39 -5.57 3.49
CA PRO A 27 11.98 -5.64 4.89
C PRO A 27 12.22 -7.04 5.46
N ARG A 28 12.72 -7.11 6.69
CA ARG A 28 13.02 -8.39 7.34
C ARG A 28 11.76 -9.18 7.71
N ALA A 29 10.66 -8.48 7.93
CA ALA A 29 9.42 -9.13 8.31
C ALA A 29 8.19 -8.44 7.73
N VAL A 30 7.21 -9.26 7.37
CA VAL A 30 5.95 -8.78 6.81
C VAL A 30 4.86 -9.67 7.38
N PHE A 31 3.92 -9.06 8.08
CA PHE A 31 2.83 -9.81 8.69
C PHE A 31 1.50 -9.10 8.53
N PRO A 32 0.39 -9.83 8.65
CA PRO A 32 -0.98 -9.30 8.54
C PRO A 32 -1.29 -8.24 9.59
N SER A 33 -2.02 -7.20 9.21
CA SER A 33 -2.37 -6.13 10.13
C SER A 33 -3.63 -6.40 10.95
N ILE A 34 -3.61 -7.45 11.76
CA ILE A 34 -4.76 -7.77 12.58
C ILE A 34 -4.36 -8.13 14.00
N VAL A 35 -5.25 -7.80 14.93
CA VAL A 35 -5.04 -8.09 16.34
C VAL A 35 -6.26 -8.85 16.81
N GLY A 36 -6.05 -9.84 17.67
CA GLY A 36 -7.17 -10.63 18.16
C GLY A 36 -7.23 -10.81 19.66
N ARG A 37 -8.43 -10.66 20.21
CA ARG A 37 -8.64 -10.82 21.64
C ARG A 37 -9.77 -11.81 21.89
N PRO A 38 -9.85 -12.37 23.11
CA PRO A 38 -10.91 -13.33 23.44
C PRO A 38 -12.30 -12.80 23.07
N ARG A 39 -13.10 -13.67 22.47
CA ARG A 39 -14.45 -13.33 22.02
C ARG A 39 -15.47 -13.44 23.15
N LYS A 50 -2.79 -15.91 26.01
CA LYS A 50 -2.58 -14.50 26.30
C LYS A 50 -3.84 -13.67 26.01
N ASP A 51 -3.75 -12.36 26.26
CA ASP A 51 -4.88 -11.46 26.04
C ASP A 51 -5.08 -11.06 24.58
N SER A 52 -3.98 -10.93 23.84
CA SER A 52 -4.08 -10.56 22.43
C SER A 52 -3.15 -11.39 21.54
N TYR A 53 -3.49 -11.43 20.25
CA TYR A 53 -2.71 -12.17 19.26
C TYR A 53 -2.57 -11.28 18.02
N VAL A 54 -1.42 -11.35 17.35
CA VAL A 54 -1.19 -10.52 16.17
C VAL A 54 -0.66 -11.28 14.97
N GLY A 55 -1.24 -11.02 13.80
CA GLY A 55 -0.78 -11.67 12.59
C GLY A 55 -1.46 -12.98 12.21
N ASP A 56 -0.68 -13.88 11.63
CA ASP A 56 -1.16 -15.17 11.17
C ASP A 56 -1.79 -16.02 12.28
N GLU A 57 -1.25 -15.91 13.49
CA GLU A 57 -1.79 -16.68 14.59
C GLU A 57 -3.07 -16.08 15.13
N ALA A 58 -3.37 -14.85 14.71
CA ALA A 58 -4.61 -14.20 15.13
C ALA A 58 -5.72 -14.65 14.19
N GLN A 59 -5.33 -15.11 13.01
CA GLN A 59 -6.30 -15.59 12.02
C GLN A 59 -6.66 -17.05 12.25
N SER A 60 -5.69 -17.84 12.65
CA SER A 60 -5.93 -19.26 12.89
C SER A 60 -6.79 -19.45 14.14
N LYS A 61 -7.03 -18.35 14.85
CA LYS A 61 -7.86 -18.40 16.05
C LYS A 61 -9.09 -17.54 15.86
N ARG A 62 -9.50 -17.35 14.62
CA ARG A 62 -10.67 -16.55 14.29
C ARG A 62 -11.89 -16.92 15.11
N GLY A 63 -12.19 -18.22 15.20
CA GLY A 63 -13.35 -18.67 15.93
C GLY A 63 -13.39 -18.36 17.41
N ILE A 64 -12.23 -18.21 18.04
CA ILE A 64 -12.20 -17.92 19.47
C ILE A 64 -11.81 -16.47 19.78
N LEU A 65 -11.38 -15.75 18.75
CA LEU A 65 -10.96 -14.37 18.92
C LEU A 65 -11.76 -13.39 18.09
N THR A 66 -11.99 -12.20 18.64
CA THR A 66 -12.69 -11.16 17.94
C THR A 66 -11.59 -10.35 17.26
N LEU A 67 -11.46 -10.50 15.95
CA LEU A 67 -10.43 -9.80 15.19
C LEU A 67 -10.76 -8.36 14.87
N LYS A 68 -9.73 -7.50 14.91
CA LYS A 68 -9.88 -6.08 14.61
C LYS A 68 -8.80 -5.72 13.61
N TYR A 69 -9.05 -4.69 12.81
CA TYR A 69 -8.08 -4.23 11.82
C TYR A 69 -7.78 -2.77 12.11
N PRO A 70 -6.72 -2.51 12.90
CA PRO A 70 -6.27 -1.17 13.31
C PRO A 70 -6.06 -0.16 12.19
N ILE A 71 -5.67 -0.62 11.01
CA ILE A 71 -5.47 0.28 9.89
C ILE A 71 -6.45 -0.02 8.78
N GLU A 72 -7.40 0.87 8.60
CA GLU A 72 -8.41 0.72 7.55
C GLU A 72 -8.34 1.90 6.59
N HIS A 73 -8.24 1.59 5.30
CA HIS A 73 -8.15 2.59 4.26
C HIS A 73 -6.92 3.46 4.47
N GLY A 74 -5.94 2.92 5.20
CA GLY A 74 -4.70 3.63 5.46
C GLY A 74 -4.53 4.37 6.78
N ILE A 75 -5.64 4.72 7.42
CA ILE A 75 -5.59 5.46 8.69
C ILE A 75 -5.67 4.55 9.90
N VAL A 76 -4.91 4.88 10.94
CA VAL A 76 -4.94 4.13 12.18
C VAL A 76 -6.25 4.51 12.83
N THR A 77 -7.08 3.52 13.12
CA THR A 77 -8.37 3.77 13.74
C THR A 77 -8.44 3.32 15.20
N ASN A 78 -7.57 2.39 15.59
CA ASN A 78 -7.53 1.90 16.96
C ASN A 78 -6.08 1.87 17.43
N TRP A 79 -5.75 2.75 18.38
CA TRP A 79 -4.39 2.84 18.89
C TRP A 79 -3.92 1.72 19.82
N ASP A 80 -4.81 1.17 20.64
CA ASP A 80 -4.41 0.07 21.51
C ASP A 80 -3.92 -1.06 20.62
N ASP A 81 -4.63 -1.30 19.53
CA ASP A 81 -4.27 -2.35 18.58
C ASP A 81 -2.98 -2.04 17.85
N MET A 82 -2.81 -0.79 17.41
CA MET A 82 -1.60 -0.40 16.70
C MET A 82 -0.40 -0.63 17.61
N GLU A 83 -0.53 -0.21 18.87
CA GLU A 83 0.52 -0.36 19.86
C GLU A 83 0.94 -1.83 19.97
N LYS A 84 -0.04 -2.73 19.83
CA LYS A 84 0.20 -4.17 19.91
C LYS A 84 0.91 -4.67 18.65
N ILE A 85 0.61 -4.04 17.51
CA ILE A 85 1.26 -4.41 16.26
C ILE A 85 2.73 -3.99 16.34
N TRP A 86 2.98 -2.83 16.92
CA TRP A 86 4.34 -2.35 17.05
C TRP A 86 5.12 -3.16 18.09
N HIS A 87 4.44 -3.57 19.17
CA HIS A 87 5.10 -4.37 20.20
C HIS A 87 5.52 -5.70 19.57
N HIS A 88 4.62 -6.23 18.73
CA HIS A 88 4.85 -7.49 18.04
C HIS A 88 5.96 -7.36 16.99
N THR A 89 6.05 -6.20 16.37
CA THR A 89 7.05 -5.93 15.35
C THR A 89 8.44 -5.89 15.97
N PHE A 90 8.54 -5.24 17.13
CA PHE A 90 9.81 -5.10 17.83
C PHE A 90 10.34 -6.34 18.53
N TYR A 91 9.52 -6.91 19.41
CA TYR A 91 9.92 -8.05 20.20
C TYR A 91 9.74 -9.42 19.56
N ASN A 92 8.69 -9.59 18.78
CA ASN A 92 8.42 -10.87 18.13
C ASN A 92 9.02 -11.02 16.75
N GLU A 93 8.80 -10.04 15.88
CA GLU A 93 9.33 -10.09 14.53
C GLU A 93 10.82 -9.75 14.41
N LEU A 94 11.15 -8.48 14.66
CA LEU A 94 12.54 -8.02 14.57
C LEU A 94 13.44 -8.41 15.74
N ARG A 95 12.82 -8.66 16.90
CA ARG A 95 13.56 -9.03 18.09
C ARG A 95 14.63 -8.01 18.45
N VAL A 96 14.19 -6.79 18.74
CA VAL A 96 15.08 -5.69 19.11
C VAL A 96 14.45 -4.85 20.21
N ALA A 97 15.28 -4.07 20.88
CA ALA A 97 14.78 -3.19 21.95
C ALA A 97 14.59 -1.84 21.27
N PRO A 98 13.35 -1.35 21.22
CA PRO A 98 13.08 -0.05 20.57
C PRO A 98 13.83 1.13 21.16
N GLU A 99 14.21 1.06 22.43
CA GLU A 99 14.93 2.16 23.04
C GLU A 99 16.39 2.23 22.59
N GLU A 100 16.79 1.29 21.75
CA GLU A 100 18.15 1.23 21.24
C GLU A 100 18.17 1.46 19.75
N HIS A 101 17.08 2.01 19.22
CA HIS A 101 16.96 2.24 17.79
C HIS A 101 16.08 3.41 17.38
N PRO A 102 16.56 4.25 16.44
CA PRO A 102 15.71 5.36 16.02
C PRO A 102 14.67 4.68 15.13
N VAL A 103 13.41 5.09 15.21
CA VAL A 103 12.37 4.46 14.39
C VAL A 103 11.71 5.38 13.37
N LEU A 104 11.65 4.93 12.12
CA LEU A 104 11.01 5.67 11.06
C LEU A 104 9.70 4.96 10.74
N LEU A 105 8.60 5.64 10.96
CA LEU A 105 7.29 5.07 10.70
C LEU A 105 6.74 5.68 9.42
N THR A 106 5.88 4.95 8.73
CA THR A 106 5.30 5.48 7.50
C THR A 106 3.85 5.75 7.81
N GLU A 107 3.24 6.62 7.03
CA GLU A 107 1.83 6.95 7.22
C GLU A 107 1.23 7.25 5.85
N ALA A 108 -0.09 7.25 5.78
CA ALA A 108 -0.78 7.54 4.53
C ALA A 108 -0.85 9.05 4.35
N PRO A 109 -1.01 9.51 3.11
CA PRO A 109 -1.09 10.95 2.84
C PRO A 109 -2.36 11.55 3.44
N LEU A 110 -2.30 12.81 3.82
CA LEU A 110 -3.46 13.52 4.35
C LEU A 110 -4.14 12.87 5.55
N ASN A 111 -3.36 12.33 6.49
CA ASN A 111 -4.00 11.72 7.64
C ASN A 111 -4.21 12.74 8.77
N PRO A 112 -5.16 12.47 9.68
CA PRO A 112 -5.45 13.37 10.81
C PRO A 112 -4.21 13.79 11.60
N LYS A 113 -4.04 15.10 11.75
CA LYS A 113 -2.90 15.67 12.48
C LYS A 113 -2.79 15.08 13.88
N ALA A 114 -3.94 14.78 14.48
CA ALA A 114 -3.96 14.21 15.83
C ALA A 114 -3.29 12.84 15.84
N ASN A 115 -3.44 12.08 14.75
CA ASN A 115 -2.85 10.75 14.66
C ASN A 115 -1.33 10.83 14.73
N ARG A 116 -0.76 11.74 13.97
CA ARG A 116 0.68 11.92 13.92
C ARG A 116 1.28 12.18 15.31
N GLU A 117 0.51 12.82 16.18
CA GLU A 117 0.96 13.12 17.53
C GLU A 117 0.92 11.87 18.40
N LYS A 118 -0.10 11.04 18.21
CA LYS A 118 -0.23 9.82 18.98
C LYS A 118 0.86 8.84 18.62
N MET A 119 1.27 8.84 17.35
CA MET A 119 2.33 7.94 16.90
C MET A 119 3.59 8.35 17.64
N THR A 120 3.90 9.64 17.61
CA THR A 120 5.08 10.16 18.28
C THR A 120 5.06 9.83 19.77
N GLN A 121 3.95 10.14 20.42
CA GLN A 121 3.78 9.88 21.85
C GLN A 121 3.94 8.42 22.24
N ILE A 122 3.33 7.51 21.48
CA ILE A 122 3.44 6.08 21.77
C ILE A 122 4.88 5.61 21.66
N MET A 123 5.57 6.06 20.62
CA MET A 123 6.96 5.68 20.37
C MET A 123 7.89 6.16 21.47
N PHE A 124 7.60 7.33 22.04
CA PHE A 124 8.45 7.86 23.08
C PHE A 124 8.05 7.44 24.49
N GLU A 125 6.78 7.62 24.81
CA GLU A 125 6.29 7.27 26.14
C GLU A 125 6.05 5.79 26.39
N THR A 126 5.76 5.02 25.35
CA THR A 126 5.49 3.59 25.49
C THR A 126 6.68 2.70 25.12
N PHE A 127 7.46 3.09 24.10
CA PHE A 127 8.60 2.30 23.66
C PHE A 127 9.96 2.92 23.95
N ASN A 128 9.95 4.15 24.46
CA ASN A 128 11.18 4.87 24.78
C ASN A 128 12.18 4.95 23.65
N THR A 129 11.71 5.14 22.43
CA THR A 129 12.61 5.22 21.29
C THR A 129 13.52 6.42 21.49
N PRO A 130 14.81 6.30 21.12
CA PRO A 130 15.75 7.41 21.27
C PRO A 130 15.40 8.52 20.29
N ALA A 131 14.73 8.14 19.21
CA ALA A 131 14.32 9.07 18.18
C ALA A 131 13.39 8.39 17.16
N MET A 132 12.49 9.17 16.57
CA MET A 132 11.57 8.63 15.58
C MET A 132 11.17 9.68 14.55
N TYR A 133 10.35 9.28 13.58
CA TYR A 133 9.92 10.18 12.54
C TYR A 133 8.77 9.50 11.79
N VAL A 134 7.89 10.30 11.17
CA VAL A 134 6.78 9.75 10.42
C VAL A 134 6.87 10.31 9.01
N ALA A 135 6.84 9.42 8.01
CA ALA A 135 6.94 9.85 6.63
C ALA A 135 5.83 9.32 5.74
N ILE A 136 5.38 10.16 4.80
CA ILE A 136 4.33 9.78 3.88
C ILE A 136 4.85 8.69 2.97
N GLN A 137 4.10 7.59 2.90
CA GLN A 137 4.47 6.44 2.09
C GLN A 137 4.80 6.74 0.63
N ALA A 138 3.87 7.40 -0.06
CA ALA A 138 4.06 7.72 -1.48
C ALA A 138 5.37 8.45 -1.79
N VAL A 139 5.80 9.33 -0.90
CA VAL A 139 7.04 10.05 -1.16
C VAL A 139 8.23 9.08 -1.09
N LEU A 140 8.21 8.16 -0.13
CA LEU A 140 9.28 7.18 -0.01
C LEU A 140 9.42 6.35 -1.29
N SER A 141 8.28 6.01 -1.91
CA SER A 141 8.28 5.22 -3.13
C SER A 141 8.95 5.95 -4.27
N LEU A 142 8.73 7.26 -4.34
CA LEU A 142 9.34 8.05 -5.41
C LEU A 142 10.85 8.00 -5.20
N TYR A 143 11.29 8.20 -3.95
CA TYR A 143 12.71 8.16 -3.64
C TYR A 143 13.30 6.81 -4.05
N ALA A 144 12.58 5.73 -3.74
CA ALA A 144 13.02 4.38 -4.10
C ALA A 144 13.27 4.26 -5.59
N SER A 145 12.48 4.96 -6.41
CA SER A 145 12.64 4.92 -7.86
C SER A 145 13.84 5.77 -8.29
N GLY A 146 14.37 6.56 -7.36
CA GLY A 146 15.49 7.41 -7.67
C GLY A 146 15.11 8.76 -8.23
N ARG A 147 13.93 9.25 -7.89
CA ARG A 147 13.45 10.54 -8.38
C ARG A 147 13.06 11.43 -7.21
N THR A 148 12.95 12.73 -7.49
CA THR A 148 12.53 13.69 -6.48
C THR A 148 11.27 14.37 -7.00
N THR A 149 10.99 14.16 -8.28
CA THR A 149 9.80 14.72 -8.92
C THR A 149 9.04 13.63 -9.68
N GLY A 150 7.73 13.61 -9.51
CA GLY A 150 6.91 12.62 -10.19
C GLY A 150 5.58 12.46 -9.49
N ILE A 151 4.67 11.69 -10.07
CA ILE A 151 3.39 11.45 -9.44
C ILE A 151 3.30 9.97 -9.17
N VAL A 152 3.15 9.60 -7.91
CA VAL A 152 3.07 8.20 -7.54
C VAL A 152 1.63 7.73 -7.39
N LEU A 153 1.35 6.56 -7.95
CA LEU A 153 0.04 5.96 -7.80
C LEU A 153 0.29 4.81 -6.84
N ASP A 154 0.00 5.03 -5.56
CA ASP A 154 0.20 4.01 -4.53
C ASP A 154 -1.15 3.31 -4.36
N SER A 155 -1.16 1.98 -4.52
CA SER A 155 -2.38 1.18 -4.39
C SER A 155 -2.08 -0.08 -3.58
N GLY A 156 -2.69 -0.20 -2.41
CA GLY A 156 -2.44 -1.36 -1.56
C GLY A 156 -3.58 -2.34 -1.39
N ASP A 157 -3.89 -2.67 -0.14
CA ASP A 157 -4.96 -3.60 0.16
C ASP A 157 -6.23 -2.92 0.65
N GLY A 158 -6.10 -1.69 1.12
CA GLY A 158 -7.27 -0.99 1.63
C GLY A 158 -7.53 0.39 1.05
N VAL A 159 -6.52 0.99 0.41
CA VAL A 159 -6.71 2.31 -0.14
C VAL A 159 -5.74 2.58 -1.27
N SER A 160 -6.09 3.54 -2.12
CA SER A 160 -5.25 3.94 -3.23
C SER A 160 -5.11 5.46 -3.20
N HIS A 161 -3.92 5.97 -3.46
CA HIS A 161 -3.68 7.41 -3.48
C HIS A 161 -2.83 7.78 -4.68
N THR A 162 -2.97 9.02 -5.14
CA THR A 162 -2.15 9.55 -6.22
C THR A 162 -1.50 10.73 -5.52
N VAL A 163 -0.17 10.77 -5.51
CA VAL A 163 0.54 11.83 -4.81
C VAL A 163 1.58 12.55 -5.66
N PRO A 164 1.27 13.77 -6.12
CA PRO A 164 2.20 14.54 -6.94
C PRO A 164 3.34 15.04 -6.05
N ILE A 165 4.57 14.87 -6.51
CA ILE A 165 5.73 15.29 -5.76
C ILE A 165 6.62 16.13 -6.68
N TYR A 166 7.09 17.26 -6.19
CA TYR A 166 7.93 18.14 -7.01
C TYR A 166 9.15 18.64 -6.26
N GLU A 167 10.32 18.29 -6.78
CA GLU A 167 11.58 18.68 -6.19
C GLU A 167 11.73 18.07 -4.80
N GLY A 168 11.18 16.88 -4.62
CA GLY A 168 11.29 16.18 -3.35
C GLY A 168 10.19 16.39 -2.32
N TYR A 169 9.31 17.35 -2.55
CA TYR A 169 8.23 17.62 -1.62
C TYR A 169 6.88 17.26 -2.21
N ALA A 170 6.03 16.64 -1.39
CA ALA A 170 4.69 16.27 -1.84
C ALA A 170 3.84 17.53 -1.92
N LEU A 171 2.83 17.51 -2.78
CA LEU A 171 1.92 18.65 -2.94
C LEU A 171 0.56 18.24 -2.39
N PRO A 172 0.32 18.49 -1.10
CA PRO A 172 -0.93 18.15 -0.39
C PRO A 172 -2.24 18.42 -1.16
N HIS A 173 -2.42 19.66 -1.60
CA HIS A 173 -3.63 20.07 -2.32
C HIS A 173 -3.94 19.29 -3.60
N ALA A 174 -2.98 18.53 -4.12
CA ALA A 174 -3.20 17.77 -5.36
C ALA A 174 -3.31 16.28 -5.12
N ILE A 175 -3.22 15.86 -3.86
CA ILE A 175 -3.29 14.45 -3.50
C ILE A 175 -4.74 13.95 -3.45
N LEU A 176 -5.00 12.81 -4.07
CA LEU A 176 -6.33 12.24 -4.07
C LEU A 176 -6.34 10.87 -3.42
N ARG A 177 -7.51 10.47 -2.94
CA ARG A 177 -7.67 9.18 -2.29
C ARG A 177 -8.79 8.40 -2.96
N LEU A 178 -8.51 7.16 -3.35
CA LEU A 178 -9.49 6.30 -3.99
C LEU A 178 -9.67 5.07 -3.12
N ASP A 179 -10.85 4.92 -2.54
CA ASP A 179 -11.13 3.76 -1.68
C ASP A 179 -11.44 2.52 -2.49
N LEU A 180 -10.45 2.05 -3.24
CA LEU A 180 -10.58 0.85 -4.04
C LEU A 180 -9.18 0.26 -4.16
N ALA A 181 -8.98 -0.92 -3.61
CA ALA A 181 -7.68 -1.54 -3.66
C ALA A 181 -7.78 -3.07 -3.66
N GLY A 182 -6.69 -3.71 -3.26
CA GLY A 182 -6.61 -5.16 -3.23
C GLY A 182 -7.76 -5.91 -2.55
N ARG A 183 -8.21 -5.44 -1.39
CA ARG A 183 -9.28 -6.14 -0.70
C ARG A 183 -10.56 -6.17 -1.55
N ASP A 184 -10.89 -5.03 -2.15
CA ASP A 184 -12.09 -4.96 -3.00
C ASP A 184 -11.97 -5.90 -4.19
N LEU A 185 -10.78 -5.96 -4.78
CA LEU A 185 -10.52 -6.81 -5.93
C LEU A 185 -10.61 -8.28 -5.55
N THR A 186 -10.06 -8.62 -4.39
CA THR A 186 -10.07 -9.99 -3.91
C THR A 186 -11.51 -10.48 -3.78
N ASP A 187 -12.36 -9.68 -3.15
CA ASP A 187 -13.77 -10.04 -2.96
C ASP A 187 -14.46 -10.12 -4.30
N TYR A 188 -14.12 -9.21 -5.22
CA TYR A 188 -14.72 -9.20 -6.54
C TYR A 188 -14.38 -10.48 -7.31
N LEU A 189 -13.15 -10.96 -7.16
CA LEU A 189 -12.74 -12.18 -7.82
C LEU A 189 -13.54 -13.34 -7.22
N MET A 190 -13.75 -13.29 -5.90
CA MET A 190 -14.50 -14.31 -5.20
C MET A 190 -15.92 -14.37 -5.75
N LYS A 191 -16.49 -13.20 -6.02
CA LYS A 191 -17.85 -13.11 -6.54
C LYS A 191 -18.05 -13.60 -7.97
N ILE A 192 -17.11 -13.30 -8.87
CA ILE A 192 -17.27 -13.72 -10.26
C ILE A 192 -16.93 -15.18 -10.51
N LEU A 193 -16.03 -15.73 -9.69
CA LEU A 193 -15.72 -17.14 -9.85
C LEU A 193 -16.93 -17.90 -9.34
N THR A 194 -17.57 -17.36 -8.31
CA THR A 194 -18.75 -17.98 -7.74
C THR A 194 -19.88 -17.97 -8.77
N GLU A 195 -19.98 -16.87 -9.51
CA GLU A 195 -21.01 -16.76 -10.55
C GLU A 195 -20.68 -17.77 -11.64
N ARG A 196 -19.38 -18.03 -11.81
CA ARG A 196 -18.88 -18.97 -12.81
C ARG A 196 -19.33 -20.40 -12.54
N GLY A 197 -19.52 -20.74 -11.28
CA GLY A 197 -19.95 -22.10 -10.97
C GLY A 197 -19.29 -22.68 -9.75
N TYR A 198 -18.31 -21.96 -9.22
CA TYR A 198 -17.61 -22.42 -8.03
C TYR A 198 -18.29 -21.81 -6.82
N SER A 199 -17.64 -21.90 -5.67
CA SER A 199 -18.22 -21.31 -4.48
C SER A 199 -17.11 -20.86 -3.54
N PHE A 200 -16.88 -19.55 -3.55
CA PHE A 200 -15.86 -18.94 -2.72
C PHE A 200 -16.56 -17.84 -1.93
N THR A 201 -16.81 -18.13 -0.66
CA THR A 201 -17.51 -17.18 0.21
C THR A 201 -16.96 -17.05 1.63
N THR A 202 -16.21 -18.05 2.10
CA THR A 202 -15.68 -18.00 3.47
C THR A 202 -14.33 -17.32 3.60
N THR A 203 -14.00 -16.91 4.83
CA THR A 203 -12.73 -16.27 5.11
C THR A 203 -11.58 -17.19 4.72
N GLU A 204 -11.78 -18.50 4.85
CA GLU A 204 -10.75 -19.45 4.47
C GLU A 204 -10.57 -19.43 2.96
N GLU A 205 -11.69 -19.34 2.25
CA GLU A 205 -11.68 -19.31 0.80
C GLU A 205 -11.16 -17.98 0.29
N ARG A 206 -11.41 -16.90 1.03
CA ARG A 206 -10.92 -15.59 0.62
C ARG A 206 -9.40 -15.63 0.54
N GLU A 207 -8.77 -16.38 1.44
CA GLU A 207 -7.31 -16.50 1.44
C GLU A 207 -6.87 -17.21 0.17
N ILE A 208 -7.69 -18.14 -0.31
CA ILE A 208 -7.36 -18.88 -1.52
C ILE A 208 -7.54 -18.04 -2.77
N VAL A 209 -8.62 -17.26 -2.83
CA VAL A 209 -8.86 -16.43 -4.01
C VAL A 209 -7.85 -15.27 -4.07
N ARG A 210 -7.31 -14.88 -2.92
CA ARG A 210 -6.33 -13.82 -2.89
C ARG A 210 -5.08 -14.35 -3.57
N ASP A 211 -4.80 -15.64 -3.37
CA ASP A 211 -3.63 -16.25 -3.98
C ASP A 211 -3.82 -16.41 -5.49
N ILE A 212 -5.04 -16.74 -5.90
CA ILE A 212 -5.33 -16.88 -7.32
C ILE A 212 -5.13 -15.54 -7.98
N LYS A 213 -5.68 -14.51 -7.37
CA LYS A 213 -5.58 -13.15 -7.87
C LYS A 213 -4.14 -12.69 -8.08
N GLU A 214 -3.28 -13.04 -7.13
CA GLU A 214 -1.87 -12.65 -7.17
C GLU A 214 -1.05 -13.44 -8.19
N LYS A 215 -1.48 -14.66 -8.49
CA LYS A 215 -0.75 -15.52 -9.41
C LYS A 215 -1.26 -15.57 -10.85
N LEU A 216 -2.57 -15.49 -11.05
CA LEU A 216 -3.09 -15.63 -12.40
C LEU A 216 -3.84 -14.45 -13.02
N CYS A 217 -4.00 -13.36 -12.27
CA CYS A 217 -4.70 -12.21 -12.80
C CYS A 217 -3.79 -11.31 -13.62
N TYR A 218 -4.39 -10.49 -14.47
CA TYR A 218 -3.65 -9.56 -15.31
C TYR A 218 -4.59 -8.52 -15.87
N VAL A 219 -4.03 -7.40 -16.31
CA VAL A 219 -4.81 -6.31 -16.87
C VAL A 219 -4.78 -6.39 -18.40
N ALA A 220 -5.96 -6.50 -19.02
CA ALA A 220 -6.04 -6.56 -20.47
C ALA A 220 -5.69 -5.20 -21.05
N LEU A 221 -5.12 -5.18 -22.24
CA LEU A 221 -4.77 -3.91 -22.88
C LEU A 221 -6.05 -3.30 -23.42
N ASP A 222 -6.99 -4.17 -23.78
CA ASP A 222 -8.30 -3.77 -24.27
C ASP A 222 -9.35 -4.75 -23.75
N PHE A 223 -10.15 -4.28 -22.80
CA PHE A 223 -11.19 -5.11 -22.19
C PHE A 223 -12.05 -5.91 -23.19
N GLU A 224 -12.81 -5.23 -24.03
CA GLU A 224 -13.66 -5.91 -24.99
C GLU A 224 -12.96 -6.98 -25.83
N GLN A 225 -11.83 -6.65 -26.44
CA GLN A 225 -11.14 -7.63 -27.25
C GLN A 225 -10.79 -8.84 -26.40
N GLU A 226 -10.32 -8.59 -25.18
CA GLU A 226 -9.95 -9.69 -24.29
C GLU A 226 -11.18 -10.51 -23.95
N MET A 227 -12.32 -9.84 -23.83
CA MET A 227 -13.57 -10.54 -23.55
C MET A 227 -13.97 -11.40 -24.75
N ALA A 228 -13.81 -10.86 -25.96
CA ALA A 228 -14.15 -11.58 -27.18
C ALA A 228 -13.25 -12.80 -27.38
N THR A 229 -11.97 -12.63 -27.10
CA THR A 229 -11.03 -13.73 -27.27
C THR A 229 -11.35 -14.87 -26.32
N ALA A 230 -11.74 -14.53 -25.09
CA ALA A 230 -12.05 -15.53 -24.08
C ALA A 230 -13.43 -16.14 -24.23
N ALA A 231 -14.28 -15.50 -25.03
CA ALA A 231 -15.64 -16.01 -25.23
C ALA A 231 -15.72 -16.99 -26.38
N SER A 232 -14.69 -17.03 -27.21
CA SER A 232 -14.69 -17.90 -28.37
C SER A 232 -13.48 -18.82 -28.42
N SER A 233 -12.70 -18.82 -27.35
CA SER A 233 -11.49 -19.63 -27.31
C SER A 233 -11.17 -19.99 -25.86
N SER A 234 -10.20 -20.87 -25.68
CA SER A 234 -9.80 -21.26 -24.33
C SER A 234 -8.34 -20.87 -24.12
N SER A 235 -7.78 -20.15 -25.08
CA SER A 235 -6.40 -19.73 -25.03
C SER A 235 -5.96 -18.90 -23.82
N LEU A 236 -6.89 -18.19 -23.16
CA LEU A 236 -6.53 -17.36 -22.01
C LEU A 236 -6.73 -18.05 -20.65
N GLU A 237 -7.36 -19.22 -20.68
CA GLU A 237 -7.62 -19.98 -19.46
C GLU A 237 -6.39 -20.50 -18.74
N LYS A 238 -6.46 -20.54 -17.42
CA LYS A 238 -5.37 -21.03 -16.59
C LYS A 238 -5.97 -21.92 -15.54
N SER A 239 -5.26 -22.97 -15.16
CA SER A 239 -5.76 -23.88 -14.15
C SER A 239 -5.16 -23.53 -12.80
N TYR A 240 -5.93 -23.77 -11.75
CA TYR A 240 -5.48 -23.51 -10.40
C TYR A 240 -5.85 -24.74 -9.57
N GLU A 241 -4.91 -25.19 -8.75
CA GLU A 241 -5.13 -26.37 -7.93
C GLU A 241 -5.38 -26.04 -6.46
N LEU A 242 -6.46 -26.57 -5.91
CA LEU A 242 -6.78 -26.35 -4.50
C LEU A 242 -5.96 -27.35 -3.69
N LYS A 243 -5.75 -27.08 -2.40
CA LYS A 243 -4.98 -27.99 -1.57
C LYS A 243 -5.52 -29.41 -1.64
N ASP A 244 -6.85 -29.55 -1.61
CA ASP A 244 -7.48 -30.87 -1.66
C ASP A 244 -7.37 -31.51 -3.05
N GLY A 245 -6.56 -30.91 -3.92
CA GLY A 245 -6.37 -31.45 -5.26
C GLY A 245 -7.35 -31.05 -6.35
N GLN A 246 -8.47 -30.43 -6.01
CA GLN A 246 -9.40 -30.06 -7.06
C GLN A 246 -8.80 -29.01 -8.00
N VAL A 247 -8.91 -29.27 -9.30
CA VAL A 247 -8.38 -28.33 -10.29
C VAL A 247 -9.52 -27.50 -10.84
N ILE A 248 -9.39 -26.18 -10.75
CA ILE A 248 -10.41 -25.28 -11.27
C ILE A 248 -9.79 -24.37 -12.32
N THR A 249 -10.58 -24.04 -13.34
CA THR A 249 -10.10 -23.17 -14.41
C THR A 249 -10.59 -21.74 -14.26
N ILE A 250 -9.71 -20.79 -14.57
CA ILE A 250 -10.06 -19.38 -14.51
C ILE A 250 -9.86 -18.77 -15.90
N GLY A 251 -10.94 -18.23 -16.45
CA GLY A 251 -10.89 -17.63 -17.77
C GLY A 251 -10.87 -16.11 -17.77
N ASN A 252 -11.95 -15.48 -18.22
CA ASN A 252 -11.94 -14.03 -18.25
C ASN A 252 -11.88 -13.40 -16.86
N GLU A 253 -12.03 -14.19 -15.79
CA GLU A 253 -11.94 -13.63 -14.45
C GLU A 253 -10.54 -13.10 -14.24
N ARG A 254 -9.59 -13.70 -14.94
CA ARG A 254 -8.20 -13.30 -14.82
C ARG A 254 -8.02 -11.79 -15.05
N PHE A 255 -8.70 -11.26 -16.07
CA PHE A 255 -8.57 -9.84 -16.35
C PHE A 255 -9.79 -9.03 -15.93
N ARG A 256 -10.94 -9.68 -15.80
CA ARG A 256 -12.15 -8.97 -15.38
C ARG A 256 -11.99 -8.45 -13.96
N CYS A 257 -11.21 -9.16 -13.15
CA CYS A 257 -10.97 -8.77 -11.77
C CYS A 257 -10.21 -7.45 -11.65
N PRO A 258 -8.99 -7.38 -12.20
CA PRO A 258 -8.26 -6.10 -12.08
C PRO A 258 -8.86 -4.96 -12.91
N GLU A 259 -9.78 -5.29 -13.82
CA GLU A 259 -10.40 -4.27 -14.65
C GLU A 259 -11.19 -3.27 -13.82
N ALA A 260 -11.59 -3.70 -12.62
CA ALA A 260 -12.36 -2.85 -11.70
C ALA A 260 -11.56 -1.61 -11.27
N LEU A 261 -10.24 -1.66 -11.43
CA LEU A 261 -9.39 -0.52 -11.07
C LEU A 261 -9.63 0.61 -12.05
N PHE A 262 -9.84 0.25 -13.32
CA PHE A 262 -10.06 1.24 -14.38
C PHE A 262 -11.53 1.59 -14.47
N GLN A 263 -12.37 0.66 -14.07
CA GLN A 263 -13.81 0.88 -14.11
C GLN A 263 -14.43 0.44 -12.79
N PRO A 264 -14.39 1.33 -11.77
CA PRO A 264 -14.94 1.04 -10.44
C PRO A 264 -16.41 0.62 -10.44
N SER A 265 -17.14 1.00 -11.48
CA SER A 265 -18.55 0.67 -11.59
C SER A 265 -18.83 -0.83 -11.50
N PHE A 266 -17.87 -1.65 -11.93
CA PHE A 266 -18.06 -3.08 -11.86
C PHE A 266 -18.28 -3.49 -10.42
N LEU A 267 -17.95 -2.59 -9.50
CA LEU A 267 -18.12 -2.85 -8.08
C LEU A 267 -19.20 -1.96 -7.47
N GLY A 268 -19.99 -1.30 -8.31
CA GLY A 268 -21.03 -0.44 -7.80
C GLY A 268 -20.49 0.90 -7.32
N MET A 269 -19.23 1.19 -7.63
CA MET A 269 -18.62 2.44 -7.22
C MET A 269 -18.69 3.48 -8.31
N GLU A 270 -19.01 4.72 -7.92
CA GLU A 270 -19.10 5.80 -8.89
C GLU A 270 -17.78 6.56 -9.10
N ALA A 271 -16.82 6.33 -8.21
CA ALA A 271 -15.51 6.98 -8.32
C ALA A 271 -14.86 6.66 -9.66
N CYS A 272 -13.99 7.52 -10.16
CA CYS A 272 -13.34 7.22 -11.42
C CYS A 272 -12.13 6.30 -11.21
N GLY A 273 -11.71 5.63 -12.28
CA GLY A 273 -10.60 4.70 -12.22
C GLY A 273 -9.26 5.26 -11.78
N ILE A 274 -8.25 4.40 -11.72
CA ILE A 274 -6.92 4.82 -11.30
C ILE A 274 -6.27 5.74 -12.31
N HIS A 275 -6.50 5.48 -13.59
CA HIS A 275 -5.93 6.29 -14.65
C HIS A 275 -6.48 7.71 -14.60
N GLU A 276 -7.80 7.81 -14.42
CA GLU A 276 -8.45 9.11 -14.37
C GLU A 276 -8.13 9.86 -13.07
N THR A 277 -7.94 9.12 -11.97
CA THR A 277 -7.61 9.74 -10.69
C THR A 277 -6.20 10.31 -10.73
N THR A 278 -5.32 9.63 -11.47
CA THR A 278 -3.94 10.07 -11.62
C THR A 278 -3.95 11.38 -12.40
N TYR A 279 -4.64 11.38 -13.52
CA TYR A 279 -4.79 12.55 -14.37
C TYR A 279 -5.39 13.73 -13.58
N ASN A 280 -6.38 13.45 -12.75
CA ASN A 280 -7.00 14.50 -11.95
C ASN A 280 -6.04 15.12 -10.94
N SER A 281 -5.08 14.34 -10.43
CA SER A 281 -4.10 14.88 -9.48
C SER A 281 -3.13 15.78 -10.23
N ILE A 282 -2.79 15.37 -11.46
CA ILE A 282 -1.87 16.15 -12.28
C ILE A 282 -2.46 17.52 -12.59
N MET A 283 -3.74 17.54 -12.96
CA MET A 283 -4.43 18.78 -13.29
C MET A 283 -4.57 19.73 -12.12
N LYS A 284 -4.57 19.19 -10.90
CA LYS A 284 -4.67 20.02 -9.73
C LYS A 284 -3.32 20.68 -9.43
N CYS A 285 -2.34 20.40 -10.28
CA CYS A 285 -0.99 20.95 -10.09
C CYS A 285 -0.67 22.12 -11.02
N ASP A 286 0.29 22.92 -10.60
CA ASP A 286 0.74 24.07 -11.39
C ASP A 286 1.08 23.55 -12.79
N VAL A 287 0.41 24.11 -13.79
CA VAL A 287 0.62 23.71 -15.17
C VAL A 287 2.10 23.62 -15.53
N ASP A 288 2.97 24.29 -14.77
CA ASP A 288 4.39 24.28 -15.07
C ASP A 288 5.12 22.96 -14.79
N ILE A 289 4.48 22.08 -14.00
CA ILE A 289 5.13 20.81 -13.65
C ILE A 289 4.37 19.58 -14.11
N ARG A 290 3.23 19.78 -14.75
CA ARG A 290 2.43 18.64 -15.21
C ARG A 290 3.22 17.77 -16.18
N LYS A 291 4.09 18.39 -16.97
CA LYS A 291 4.90 17.63 -17.92
C LYS A 291 5.81 16.66 -17.18
N ASP A 292 6.53 17.16 -16.18
CA ASP A 292 7.44 16.34 -15.38
C ASP A 292 6.69 15.17 -14.75
N LEU A 293 5.44 15.42 -14.37
CA LEU A 293 4.59 14.40 -13.74
C LEU A 293 4.13 13.35 -14.77
N TYR A 294 3.77 13.80 -15.97
CA TYR A 294 3.33 12.90 -17.03
C TYR A 294 4.44 11.92 -17.44
N ALA A 295 5.67 12.43 -17.50
CA ALA A 295 6.82 11.64 -17.89
C ALA A 295 7.37 10.86 -16.71
N ASN A 296 6.74 11.03 -15.55
CA ASN A 296 7.18 10.36 -14.34
C ASN A 296 6.05 9.87 -13.44
N THR A 297 5.21 9.01 -14.00
CA THR A 297 4.10 8.44 -13.25
C THR A 297 4.58 7.11 -12.69
N VAL A 298 4.82 7.09 -11.39
CA VAL A 298 5.34 5.90 -10.72
C VAL A 298 4.32 5.04 -9.97
N LEU A 299 4.26 3.76 -10.35
CA LEU A 299 3.35 2.81 -9.71
C LEU A 299 3.95 2.29 -8.41
N SER A 300 3.12 2.10 -7.40
CA SER A 300 3.59 1.61 -6.11
C SER A 300 2.53 0.77 -5.42
N GLY A 301 2.95 -0.15 -4.56
CA GLY A 301 1.99 -0.99 -3.87
C GLY A 301 1.74 -2.34 -4.54
N GLY A 302 1.28 -3.30 -3.74
CA GLY A 302 1.02 -4.63 -4.26
C GLY A 302 -0.05 -4.70 -5.33
N THR A 303 -1.02 -3.81 -5.27
CA THR A 303 -2.10 -3.82 -6.25
C THR A 303 -1.70 -3.33 -7.64
N THR A 304 -0.52 -2.73 -7.77
CA THR A 304 -0.05 -2.27 -9.07
C THR A 304 0.83 -3.37 -9.68
N MET A 305 0.79 -4.56 -9.09
CA MET A 305 1.60 -5.68 -9.55
C MET A 305 1.04 -6.50 -10.71
N TYR A 306 -0.24 -6.32 -11.04
CA TYR A 306 -0.82 -7.10 -12.13
C TYR A 306 -0.02 -6.99 -13.44
N PRO A 307 0.23 -8.12 -14.10
CA PRO A 307 0.98 -8.06 -15.36
C PRO A 307 0.13 -7.22 -16.32
N GLY A 308 0.78 -6.39 -17.14
CA GLY A 308 0.04 -5.58 -18.10
C GLY A 308 -0.53 -4.25 -17.62
N ILE A 309 -0.49 -3.99 -16.31
CA ILE A 309 -1.04 -2.74 -15.78
C ILE A 309 -0.31 -1.49 -16.29
N ALA A 310 1.01 -1.57 -16.45
CA ALA A 310 1.79 -0.43 -16.93
C ALA A 310 1.39 0.02 -18.33
N ASP A 311 1.41 -0.91 -19.29
CA ASP A 311 1.04 -0.58 -20.67
C ASP A 311 -0.40 -0.08 -20.77
N ARG A 312 -1.26 -0.55 -19.87
CA ARG A 312 -2.65 -0.12 -19.86
C ARG A 312 -2.72 1.29 -19.32
N MET A 313 -1.96 1.58 -18.26
CA MET A 313 -1.95 2.92 -17.69
C MET A 313 -1.44 3.88 -18.77
N GLN A 314 -0.42 3.44 -19.51
CA GLN A 314 0.18 4.22 -20.57
C GLN A 314 -0.86 4.60 -21.62
N LYS A 315 -1.60 3.61 -22.10
CA LYS A 315 -2.63 3.81 -23.09
C LYS A 315 -3.77 4.71 -22.61
N GLU A 316 -4.26 4.46 -21.39
CA GLU A 316 -5.35 5.24 -20.82
C GLU A 316 -4.97 6.69 -20.49
N ILE A 317 -3.80 6.89 -19.89
CA ILE A 317 -3.36 8.24 -19.56
C ILE A 317 -3.21 9.03 -20.86
N THR A 318 -2.59 8.39 -21.85
CA THR A 318 -2.36 9.00 -23.15
C THR A 318 -3.66 9.52 -23.77
N ALA A 319 -4.71 8.73 -23.65
CA ALA A 319 -6.00 9.12 -24.20
C ALA A 319 -6.58 10.33 -23.48
N LEU A 320 -6.20 10.52 -22.21
CA LEU A 320 -6.69 11.64 -21.42
C LEU A 320 -5.88 12.94 -21.55
N ALA A 321 -4.58 12.82 -21.73
CA ALA A 321 -3.69 13.96 -21.84
C ALA A 321 -3.58 14.52 -23.25
N PRO A 322 -3.09 15.77 -23.38
CA PRO A 322 -2.94 16.39 -24.70
C PRO A 322 -2.07 15.52 -25.60
N SER A 323 -2.45 15.43 -26.88
CA SER A 323 -1.72 14.62 -27.85
C SER A 323 -0.22 14.91 -27.92
N THR A 324 0.16 16.15 -27.60
CA THR A 324 1.56 16.53 -27.63
C THR A 324 2.30 16.18 -26.34
N MET A 325 1.63 15.50 -25.42
CA MET A 325 2.23 15.15 -24.13
C MET A 325 3.01 13.84 -24.11
N LYS A 326 4.20 13.89 -23.50
CA LYS A 326 5.06 12.71 -23.39
C LYS A 326 4.66 11.96 -22.13
N ILE A 327 4.16 10.74 -22.29
CA ILE A 327 3.72 9.95 -21.16
C ILE A 327 4.71 8.83 -20.88
N LYS A 328 4.92 8.53 -19.60
CA LYS A 328 5.83 7.47 -19.21
C LYS A 328 5.42 6.87 -17.85
N ILE A 329 5.10 5.59 -17.86
CA ILE A 329 4.70 4.90 -16.66
C ILE A 329 5.90 4.10 -16.16
N ILE A 330 6.34 4.39 -14.93
CA ILE A 330 7.46 3.65 -14.35
C ILE A 330 6.91 2.60 -13.39
N ALA A 331 7.20 1.33 -13.65
CA ALA A 331 6.71 0.25 -12.81
C ALA A 331 7.86 -0.58 -12.24
N PRO A 332 8.51 -0.06 -11.19
CA PRO A 332 9.63 -0.75 -10.53
C PRO A 332 9.29 -2.21 -10.25
N PRO A 333 10.24 -3.12 -10.48
CA PRO A 333 10.00 -4.54 -10.23
C PRO A 333 9.66 -4.86 -8.77
N GLU A 334 10.35 -4.20 -7.84
CA GLU A 334 10.10 -4.45 -6.43
C GLU A 334 9.15 -3.44 -5.81
N ARG A 335 8.18 -2.97 -6.61
CA ARG A 335 7.23 -1.97 -6.12
C ARG A 335 6.26 -2.49 -5.06
N LYS A 336 6.32 -3.77 -4.73
CA LYS A 336 5.44 -4.26 -3.68
C LYS A 336 6.03 -3.83 -2.33
N TYR A 337 7.27 -3.37 -2.36
CA TYR A 337 7.95 -2.94 -1.15
C TYR A 337 8.70 -1.62 -1.32
N SER A 338 8.45 -0.92 -2.42
CA SER A 338 9.12 0.35 -2.67
C SER A 338 8.94 1.34 -1.51
N VAL A 339 7.77 1.34 -0.88
CA VAL A 339 7.53 2.26 0.24
C VAL A 339 8.55 1.98 1.33
N TRP A 340 8.63 0.74 1.80
CA TRP A 340 9.58 0.36 2.84
C TRP A 340 10.99 0.68 2.39
N ILE A 341 11.30 0.31 1.15
CA ILE A 341 12.63 0.56 0.62
C ILE A 341 12.98 2.04 0.64
N GLY A 342 12.05 2.87 0.19
CA GLY A 342 12.29 4.30 0.20
C GLY A 342 12.59 4.76 1.61
N GLY A 343 11.96 4.09 2.58
CA GLY A 343 12.18 4.43 3.97
C GLY A 343 13.58 4.02 4.38
N SER A 344 14.03 2.88 3.88
CA SER A 344 15.36 2.38 4.19
C SER A 344 16.39 3.36 3.65
N ILE A 345 16.11 3.87 2.46
CA ILE A 345 16.99 4.84 1.81
C ILE A 345 17.00 6.18 2.56
N LEU A 346 15.82 6.71 2.86
CA LEU A 346 15.72 8.00 3.56
C LEU A 346 16.34 8.03 4.96
N ALA A 347 16.04 7.02 5.77
CA ALA A 347 16.57 6.97 7.13
C ALA A 347 18.09 7.05 7.19
N SER A 348 18.77 6.60 6.14
CA SER A 348 20.23 6.65 6.11
C SER A 348 20.81 7.88 5.41
N LEU A 349 19.93 8.78 4.97
CA LEU A 349 20.38 10.00 4.31
C LEU A 349 21.01 11.00 5.26
N SER A 350 22.21 11.44 4.94
CA SER A 350 22.93 12.41 5.76
C SER A 350 22.06 13.62 6.04
N THR A 351 21.44 14.15 4.99
CA THR A 351 20.60 15.32 5.14
C THR A 351 19.33 15.01 5.91
N PHE A 352 19.02 13.72 6.09
CA PHE A 352 17.82 13.35 6.82
C PHE A 352 18.00 13.28 8.35
N GLN A 353 19.23 13.03 8.80
CA GLN A 353 19.52 12.90 10.23
C GLN A 353 18.97 14.04 11.09
N GLN A 354 19.03 15.26 10.57
CA GLN A 354 18.54 16.41 11.32
C GLN A 354 17.02 16.45 11.45
N MET A 355 16.33 15.54 10.78
CA MET A 355 14.88 15.54 10.84
C MET A 355 14.35 14.66 11.97
N TRP A 356 15.08 13.59 12.30
CA TRP A 356 14.66 12.71 13.38
C TRP A 356 14.18 13.59 14.54
N ILE A 357 13.19 13.10 15.28
CA ILE A 357 12.70 13.82 16.43
C ILE A 357 13.41 13.15 17.60
N SER A 358 14.35 13.84 18.23
CA SER A 358 15.07 13.24 19.35
C SER A 358 14.14 13.20 20.55
N LYS A 359 14.43 12.31 21.49
CA LYS A 359 13.62 12.23 22.68
C LYS A 359 13.77 13.55 23.43
N GLN A 360 14.93 14.18 23.25
CA GLN A 360 15.16 15.46 23.89
C GLN A 360 14.19 16.48 23.30
N GLU A 361 14.10 16.51 21.97
CA GLU A 361 13.20 17.43 21.30
C GLU A 361 11.74 17.11 21.66
N TYR A 362 11.51 15.91 22.18
CA TYR A 362 10.16 15.53 22.56
C TYR A 362 9.83 16.00 23.96
N ASP A 363 10.78 15.81 24.89
CA ASP A 363 10.60 16.21 26.28
C ASP A 363 10.40 17.72 26.39
N GLU A 364 11.10 18.47 25.55
CA GLU A 364 10.99 19.93 25.56
C GLU A 364 9.72 20.42 24.86
N SER A 365 9.63 20.15 23.57
CA SER A 365 8.51 20.62 22.76
C SER A 365 7.20 19.84 22.91
N GLY A 366 7.31 18.57 23.32
CA GLY A 366 6.11 17.76 23.49
C GLY A 366 5.67 17.09 22.20
N PRO A 367 4.55 16.35 22.20
CA PRO A 367 4.05 15.66 21.00
C PRO A 367 3.94 16.58 19.79
N SER A 368 3.57 17.84 20.05
CA SER A 368 3.40 18.83 19.00
C SER A 368 4.67 19.07 18.18
N ILE A 369 5.79 18.50 18.62
CA ILE A 369 7.07 18.65 17.91
C ILE A 369 6.98 17.96 16.54
N VAL A 370 6.03 17.05 16.42
CA VAL A 370 5.84 16.31 15.18
C VAL A 370 5.42 17.21 14.02
N HIS A 371 4.62 18.23 14.31
CA HIS A 371 4.17 19.14 13.26
C HIS A 371 5.27 20.08 12.78
N ARG A 372 6.38 20.12 13.50
CA ARG A 372 7.48 21.00 13.12
C ARG A 372 8.48 20.28 12.21
N LYS A 373 8.95 19.11 12.66
CA LYS A 373 9.93 18.34 11.89
C LYS A 373 9.30 17.35 10.91
N CYS A 374 8.08 16.91 11.19
CA CYS A 374 7.41 15.94 10.33
C CYS A 374 6.40 16.52 9.36
N PHE A 375 5.47 17.30 9.90
CA PHE A 375 4.41 17.95 9.12
C PHE A 375 3.08 17.82 9.86
PG ATP B . -2.66 -0.15 2.03
O1G ATP B . -3.77 0.03 1.06
O2G ATP B . -1.28 0.45 1.48
O3G ATP B . -2.94 0.60 3.43
PB ATP B . -0.96 -2.40 2.28
O1B ATP B . 0.06 -1.38 2.62
O2B ATP B . -0.98 -3.65 3.07
O3B ATP B . -2.41 -1.70 2.40
PA ATP B . 0.38 -3.55 0.09
O1A ATP B . 1.20 -2.54 -0.63
O2A ATP B . 1.03 -4.36 1.15
O3A ATP B . -0.88 -2.76 0.72
O5' ATP B . -0.32 -4.51 -0.97
C5' ATP B . -1.15 -5.60 -0.55
C4' ATP B . -2.18 -5.90 -1.64
O4' ATP B . -1.46 -6.19 -2.85
C3' ATP B . -3.01 -7.13 -1.32
O3' ATP B . -4.33 -6.96 -1.85
C2' ATP B . -2.27 -8.21 -2.11
O2' ATP B . -3.18 -9.27 -2.41
C1' ATP B . -2.01 -7.41 -3.38
N9 ATP B . -1.03 -8.08 -4.25
C8 ATP B . 0.14 -8.58 -3.86
N7 ATP B . 0.75 -9.13 -4.90
C5 ATP B . -0.03 -9.00 -5.97
C6 ATP B . 0.06 -9.39 -7.29
N6 ATP B . 1.14 -10.04 -7.72
N1 ATP B . -0.94 -9.10 -8.12
C2 ATP B . -2.01 -8.45 -7.70
N3 ATP B . -2.13 -8.06 -6.45
C4 ATP B . -1.17 -8.32 -5.56
CA CA C . 0.93 0.70 2.00
CA CA D . -18.01 4.51 -13.98
C1 CY9 E . 8.22 15.54 1.69
C5 CY9 E . 9.68 14.14 4.48
C4 CY9 E . 9.70 15.37 3.58
C3 CY9 E . 10.41 15.08 2.25
O1 CY9 E . 7.18 15.64 1.02
C6 CY9 E . 8.71 13.12 3.90
C25 CY9 E . 13.67 15.01 2.66
C26 CY9 E . 14.81 14.95 3.46
C27 CY9 E . 15.01 15.89 4.48
C28 CY9 E . 14.07 16.89 4.68
C29 CY9 E . 12.93 16.95 3.88
C24 CY9 E . 12.74 16.02 2.87
C10 CY9 E . 11.50 16.10 1.98
N2 CY9 E . 9.38 15.12 1.20
C9 CY9 E . 8.30 15.85 3.18
C11 CY9 E . 11.08 13.53 4.61
C12 CY9 E . 9.11 11.84 3.52
C7 CY9 E . 7.27 13.59 3.67
O7 CY9 E . 6.41 12.92 4.61
C8 CY9 E . 7.20 15.09 3.94
C13 CY9 E . 5.80 15.57 3.56
C14 CY9 E . 4.87 15.78 4.57
C15 CY9 E . 3.58 16.21 4.30
C16 CY9 E . 3.46 17.73 4.26
C22 CY9 E . 2.03 18.20 4.53
C17 CY9 E . 3.94 18.25 2.90
O17 CY9 E . 3.36 17.90 1.87
C18 CY9 E . 5.11 19.22 2.83
O18 CY9 E . 5.46 19.45 1.46
C23 CY9 E . 4.74 20.53 3.52
C19 CY9 E . 6.19 18.64 3.49
C20 CY9 E . 7.18 17.96 2.78
C21 CY9 E . 8.24 17.36 3.45
O21 CY9 E . 8.13 17.56 4.87
C30 CY9 E . 9.05 18.45 5.32
C31 CY9 E . 9.13 18.71 6.68
O30 CY9 E . 9.81 19.01 4.54
#